data_5IBC
#
_entry.id   5IBC
#
_cell.length_a   68.591
_cell.length_b   84.325
_cell.length_c   96.617
_cell.angle_alpha   90.00
_cell.angle_beta   90.00
_cell.angle_gamma   90.00
#
_symmetry.space_group_name_H-M   'I 2 2 2'
#
loop_
_entity.id
_entity.type
_entity.pdbx_description
1 polymer Caspase-3
2 polymer ACE-ASP-GLU-VAL-ASK
3 non-polymer 'SODIUM ION'
4 water water
#
loop_
_entity_poly.entity_id
_entity_poly.type
_entity_poly.pdbx_seq_one_letter_code
_entity_poly.pdbx_strand_id
1 'polypeptide(L)'
;MENTENSVDSKSIKNLEPKIIHGSESMDSGISLDNSYKMDYPEMGLCIIINNKNFHKSTGMTSRSGTDVDAANLRETFRN
LKYEVRNKNDLTREEIVELMRDVSKEDHSKRSSFVCVLLSHGEEGIIFGTNGPVDLKKITNFFRGDRCRSLTGKPKLFII
QACRGTELDCGIETDSGVDDDMACHKIPVEADFLYAYSTAPGYYSWRNSKDGSWFIQSLCAMLKQYADKLEFMHILTRVN
RKVATEFESFSFDATFHAKKQIPCIISMLTKELYFYHLH
;
A
2 'polypeptide(L)' (ACE)DEVD(0QE) B
#
loop_
_chem_comp.id
_chem_comp.type
_chem_comp.name
_chem_comp.formula
0QE non-polymer chloromethane 'C H3 Cl'
ACE non-polymer 'ACETYL GROUP' 'C2 H4 O'
NA non-polymer 'SODIUM ION' 'Na 1'
#
# COMPACT_ATOMS: atom_id res chain seq x y z
N SER A 29 0.99 -0.66 -39.14
CA SER A 29 1.55 -1.81 -38.42
C SER A 29 0.48 -2.87 -38.17
N GLY A 30 0.88 -3.97 -37.55
CA GLY A 30 0.01 -5.12 -37.36
C GLY A 30 -1.04 -4.90 -36.28
N ILE A 31 -1.77 -5.98 -36.00
CA ILE A 31 -2.84 -5.96 -35.01
C ILE A 31 -2.31 -5.47 -33.67
N SER A 32 -3.10 -4.64 -32.99
CA SER A 32 -2.69 -4.03 -31.74
C SER A 32 -3.70 -4.35 -30.64
N LEU A 33 -3.19 -4.60 -29.42
CA LEU A 33 -4.02 -4.79 -28.25
C LEU A 33 -3.64 -3.75 -27.20
N ASP A 34 -4.60 -3.35 -26.38
CA ASP A 34 -4.33 -2.41 -25.28
C ASP A 34 -5.02 -2.89 -24.00
N ASN A 35 -4.76 -4.14 -23.63
CA ASN A 35 -5.27 -4.67 -22.37
C ASN A 35 -4.41 -4.34 -21.17
N SER A 36 -3.28 -3.65 -21.35
CA SER A 36 -2.38 -3.40 -20.22
C SER A 36 -1.96 -1.93 -20.21
N TYR A 37 -1.75 -1.40 -19.01
CA TYR A 37 -1.31 -0.02 -18.87
C TYR A 37 0.04 0.15 -19.53
N LYS A 38 0.21 1.31 -20.17
CA LYS A 38 1.49 1.72 -20.73
C LYS A 38 2.45 2.02 -19.59
N MET A 39 3.47 1.21 -19.43
CA MET A 39 4.44 1.39 -18.34
C MET A 39 5.82 1.70 -18.87
N ASP A 40 5.91 2.21 -20.11
CA ASP A 40 7.19 2.54 -20.71
C ASP A 40 7.37 4.05 -20.90
N TYR A 41 6.65 4.86 -20.12
CA TYR A 41 6.99 6.26 -19.99
C TYR A 41 8.44 6.41 -19.53
N PRO A 42 9.04 7.60 -19.72
CA PRO A 42 10.41 7.81 -19.25
C PRO A 42 10.64 7.40 -17.80
N GLU A 43 9.66 7.63 -16.92
CA GLU A 43 9.77 7.30 -15.51
C GLU A 43 8.66 6.34 -15.10
N MET A 44 8.99 5.41 -14.20
CA MET A 44 7.97 4.55 -13.62
C MET A 44 7.00 5.36 -12.74
N GLY A 45 7.53 6.32 -12.00
CA GLY A 45 6.72 7.17 -11.16
C GLY A 45 7.28 7.29 -9.76
N LEU A 46 6.56 8.05 -8.95
CA LEU A 46 6.90 8.23 -7.55
C LEU A 46 6.43 7.04 -6.73
N CYS A 47 7.20 6.71 -5.70
CA CYS A 47 6.77 5.83 -4.62
C CYS A 47 6.92 6.63 -3.33
N ILE A 48 5.79 7.14 -2.82
CA ILE A 48 5.79 7.88 -1.56
C ILE A 48 5.55 6.88 -0.43
N ILE A 49 6.49 6.79 0.50
CA ILE A 49 6.36 5.93 1.68
C ILE A 49 6.21 6.82 2.91
N ILE A 50 5.06 6.72 3.58
CA ILE A 50 4.82 7.43 4.83
C ILE A 50 4.94 6.43 5.97
N ASN A 51 5.98 6.61 6.78
CA ASN A 51 6.38 5.63 7.80
C ASN A 51 6.18 6.29 9.17
N ASN A 52 5.05 6.00 9.79
CA ASN A 52 4.70 6.60 11.08
C ASN A 52 4.96 5.57 12.17
N LYS A 53 6.01 5.82 12.96
CA LYS A 53 6.47 4.95 14.02
C LYS A 53 6.13 5.48 15.39
N ASN A 54 6.37 6.77 15.62
CA ASN A 54 6.24 7.41 16.94
C ASN A 54 5.10 8.42 16.89
N PHE A 55 4.16 8.28 17.81
CA PHE A 55 2.98 9.12 17.83
C PHE A 55 3.03 10.05 19.03
N HIS A 56 2.33 11.17 18.89
CA HIS A 56 2.30 12.13 19.99
C HIS A 56 1.70 11.47 21.22
N LYS A 57 2.34 11.68 22.37
CA LYS A 57 1.91 11.04 23.60
C LYS A 57 0.43 11.26 23.86
N SER A 58 -0.08 12.46 23.54
CA SER A 58 -1.47 12.77 23.88
C SER A 58 -2.46 11.91 23.12
N THR A 59 -2.07 11.39 21.94
CA THR A 59 -2.98 10.50 21.22
C THR A 59 -3.14 9.16 21.91
N GLY A 60 -2.17 8.77 22.76
CA GLY A 60 -2.15 7.45 23.36
C GLY A 60 -1.86 6.31 22.42
N MET A 61 -1.38 6.56 21.21
CA MET A 61 -1.09 5.51 20.26
C MET A 61 0.31 4.96 20.47
N THR A 62 0.43 3.63 20.42
CA THR A 62 1.70 2.98 20.73
C THR A 62 2.69 3.14 19.58
N SER A 63 3.98 3.05 19.92
CA SER A 63 5.01 3.05 18.89
CA SER A 63 5.02 3.05 18.90
C SER A 63 4.95 1.76 18.10
N ARG A 64 5.23 1.87 16.80
CA ARG A 64 5.03 0.74 15.88
C ARG A 64 6.37 0.06 15.57
N SER A 65 6.90 -0.62 16.59
CA SER A 65 8.17 -1.32 16.44
C SER A 65 8.11 -2.30 15.29
N GLY A 66 9.16 -2.28 14.46
CA GLY A 66 9.22 -3.07 13.26
C GLY A 66 8.89 -2.32 11.99
N THR A 67 8.29 -1.13 12.10
CA THR A 67 7.88 -0.44 10.88
C THR A 67 9.08 0.07 10.08
N ASP A 68 10.21 0.34 10.73
CA ASP A 68 11.39 0.76 9.98
C ASP A 68 11.90 -0.35 9.07
N VAL A 69 11.83 -1.60 9.55
CA VAL A 69 12.14 -2.76 8.69
C VAL A 69 11.25 -2.74 7.45
N ASP A 70 9.95 -2.50 7.65
CA ASP A 70 9.03 -2.38 6.52
C ASP A 70 9.46 -1.26 5.57
N ALA A 71 9.76 -0.09 6.12
CA ALA A 71 10.04 1.08 5.28
C ALA A 71 11.30 0.87 4.47
N ALA A 72 12.31 0.25 5.10
CA ALA A 72 13.55 -0.06 4.39
C ALA A 72 13.34 -1.12 3.33
N ASN A 73 12.49 -2.10 3.61
CA ASN A 73 12.22 -3.17 2.64
C ASN A 73 11.48 -2.60 1.44
N LEU A 74 10.52 -1.70 1.68
CA LEU A 74 9.77 -1.10 0.59
C LEU A 74 10.65 -0.20 -0.25
N ARG A 75 11.51 0.57 0.41
CA ARG A 75 12.39 1.47 -0.34
CA ARG A 75 12.40 1.47 -0.34
C ARG A 75 13.25 0.69 -1.33
N GLU A 76 13.86 -0.42 -0.86
CA GLU A 76 14.70 -1.22 -1.72
C GLU A 76 13.89 -1.91 -2.81
N THR A 77 12.73 -2.46 -2.43
CA THR A 77 11.90 -3.18 -3.38
C THR A 77 11.45 -2.29 -4.52
N PHE A 78 10.97 -1.09 -4.19
CA PHE A 78 10.51 -0.23 -5.27
C PHE A 78 11.64 0.49 -5.98
N ARG A 79 12.80 0.65 -5.32
CA ARG A 79 13.99 1.11 -6.03
C ARG A 79 14.34 0.16 -7.17
N ASN A 80 14.26 -1.14 -6.91
CA ASN A 80 14.62 -2.08 -7.96
C ASN A 80 13.55 -2.17 -9.04
N LEU A 81 12.34 -1.70 -8.76
CA LEU A 81 11.34 -1.55 -9.82
C LEU A 81 11.45 -0.22 -10.55
N LYS A 82 12.47 0.59 -10.19
CA LYS A 82 12.80 1.86 -10.84
C LYS A 82 11.83 2.97 -10.47
N TYR A 83 11.20 2.88 -9.30
CA TYR A 83 10.43 4.00 -8.79
C TYR A 83 11.32 5.03 -8.12
N GLU A 84 10.92 6.29 -8.25
CA GLU A 84 11.56 7.40 -7.53
C GLU A 84 10.99 7.40 -6.12
N VAL A 85 11.71 6.81 -5.17
CA VAL A 85 11.18 6.58 -3.83
C VAL A 85 11.44 7.80 -2.96
N ARG A 86 10.41 8.22 -2.22
CA ARG A 86 10.58 9.26 -1.21
C ARG A 86 10.03 8.74 0.10
N ASN A 87 10.91 8.62 1.10
CA ASN A 87 10.54 8.14 2.44
C ASN A 87 10.29 9.32 3.35
N LYS A 88 9.14 9.33 4.02
CA LYS A 88 8.80 10.36 4.99
C LYS A 88 8.49 9.68 6.31
N ASN A 89 9.04 10.22 7.40
CA ASN A 89 8.92 9.59 8.70
C ASN A 89 8.16 10.48 9.67
N ASP A 90 7.23 9.89 10.41
CA ASP A 90 6.56 10.51 11.54
C ASP A 90 5.90 11.84 11.15
N LEU A 91 4.94 11.75 10.23
CA LEU A 91 4.21 12.91 9.76
C LEU A 91 2.93 13.12 10.54
N THR A 92 2.67 14.38 10.91
CA THR A 92 1.37 14.76 11.45
C THR A 92 0.28 14.62 10.38
N ARG A 93 -0.97 14.64 10.86
CA ARG A 93 -2.08 14.62 9.92
C ARG A 93 -1.98 15.79 8.95
N GLU A 94 -1.57 16.96 9.44
CA GLU A 94 -1.42 18.13 8.57
C GLU A 94 -0.33 17.90 7.53
N GLU A 95 0.80 17.32 7.96
CA GLU A 95 1.89 17.06 7.03
C GLU A 95 1.50 16.01 5.99
N ILE A 96 0.69 15.01 6.38
CA ILE A 96 0.26 13.99 5.42
C ILE A 96 -0.60 14.62 4.33
N VAL A 97 -1.56 15.45 4.74
CA VAL A 97 -2.43 16.10 3.76
C VAL A 97 -1.64 17.04 2.86
N GLU A 98 -0.73 17.85 3.44
CA GLU A 98 0.03 18.78 2.63
C GLU A 98 0.95 18.04 1.67
N LEU A 99 1.55 16.94 2.12
CA LEU A 99 2.43 16.17 1.25
C LEU A 99 1.65 15.59 0.08
N MET A 100 0.49 14.99 0.35
CA MET A 100 -0.32 14.38 -0.69
CA MET A 100 -0.26 14.38 -0.73
C MET A 100 -0.84 15.42 -1.68
N ARG A 101 -1.27 16.58 -1.15
CA ARG A 101 -1.70 17.67 -2.03
C ARG A 101 -0.55 18.12 -2.93
N ASP A 102 0.62 18.38 -2.34
CA ASP A 102 1.77 18.82 -3.11
C ASP A 102 2.16 17.78 -4.16
N VAL A 103 2.21 16.51 -3.78
CA VAL A 103 2.56 15.47 -4.75
C VAL A 103 1.56 15.44 -5.90
N SER A 104 0.27 15.57 -5.59
CA SER A 104 -0.75 15.53 -6.64
C SER A 104 -0.65 16.71 -7.59
N LYS A 105 0.05 17.79 -7.19
CA LYS A 105 0.16 18.96 -8.05
C LYS A 105 1.43 18.96 -8.88
N GLU A 106 2.32 18.00 -8.67
CA GLU A 106 3.48 17.83 -9.54
C GLU A 106 3.03 17.45 -10.95
N ASP A 107 3.92 17.63 -11.91
CA ASP A 107 3.66 17.21 -13.29
C ASP A 107 4.10 15.75 -13.41
N HIS A 108 3.12 14.84 -13.49
CA HIS A 108 3.41 13.43 -13.67
C HIS A 108 3.37 13.00 -15.13
N SER A 109 3.41 13.95 -16.07
CA SER A 109 3.18 13.62 -17.48
CA SER A 109 3.17 13.61 -17.47
C SER A 109 4.15 12.57 -17.99
N LYS A 110 5.39 12.56 -17.49
CA LYS A 110 6.40 11.61 -17.94
C LYS A 110 6.50 10.37 -17.06
N ARG A 111 5.52 10.16 -16.18
CA ARG A 111 5.53 9.05 -15.23
C ARG A 111 4.43 8.07 -15.60
N SER A 112 4.73 6.78 -15.44
CA SER A 112 3.79 5.72 -15.83
C SER A 112 2.70 5.51 -14.79
N SER A 113 3.01 5.71 -13.53
CA SER A 113 2.15 5.25 -12.45
C SER A 113 2.44 6.10 -11.22
N PHE A 114 1.67 5.89 -10.17
CA PHE A 114 1.91 6.50 -8.88
C PHE A 114 1.69 5.48 -7.78
N VAL A 115 2.60 5.45 -6.80
CA VAL A 115 2.48 4.52 -5.67
C VAL A 115 2.60 5.33 -4.37
N CYS A 116 1.70 5.06 -3.44
CA CYS A 116 1.76 5.62 -2.09
C CYS A 116 1.64 4.46 -1.10
N VAL A 117 2.58 4.37 -0.17
CA VAL A 117 2.55 3.35 0.87
C VAL A 117 2.35 4.03 2.21
N LEU A 118 1.33 3.60 2.94
CA LEU A 118 0.99 4.16 4.25
C LEU A 118 1.24 3.10 5.31
N LEU A 119 2.12 3.43 6.26
CA LEU A 119 2.49 2.55 7.36
C LEU A 119 2.14 3.29 8.65
N SER A 120 1.10 2.84 9.34
CA SER A 120 0.66 3.59 10.51
C SER A 120 -0.41 2.80 11.25
N HIS A 121 -0.90 3.38 12.34
CA HIS A 121 -2.14 2.92 12.90
C HIS A 121 -3.31 3.30 11.97
N GLY A 122 -4.42 2.59 12.14
CA GLY A 122 -5.60 2.92 11.37
C GLY A 122 -6.84 2.31 11.96
N GLU A 123 -7.98 2.70 11.40
CA GLU A 123 -9.26 2.00 11.55
C GLU A 123 -9.92 2.03 10.18
N GLU A 124 -11.12 1.47 10.08
CA GLU A 124 -11.75 1.40 8.77
C GLU A 124 -11.89 2.80 8.18
N GLY A 125 -11.27 2.99 7.01
CA GLY A 125 -11.32 4.23 6.29
C GLY A 125 -10.33 5.28 6.72
N ILE A 126 -9.46 4.99 7.70
CA ILE A 126 -8.66 6.01 8.38
C ILE A 126 -7.22 5.52 8.53
N ILE A 127 -6.29 6.45 8.32
CA ILE A 127 -4.89 6.22 8.70
CA ILE A 127 -4.87 6.27 8.64
C ILE A 127 -4.48 7.37 9.61
N PHE A 128 -3.61 7.07 10.55
CA PHE A 128 -3.26 8.07 11.56
C PHE A 128 -1.99 8.81 11.22
N GLY A 129 -2.07 10.14 11.26
CA GLY A 129 -0.89 10.95 11.47
C GLY A 129 -0.43 10.80 12.90
N THR A 130 0.72 11.38 13.18
CA THR A 130 1.29 11.24 14.52
C THR A 130 0.45 11.91 15.58
N ASN A 131 -0.41 12.87 15.20
CA ASN A 131 -1.21 13.63 16.14
C ASN A 131 -2.71 13.46 15.93
N GLY A 132 -3.15 12.55 15.07
CA GLY A 132 -4.56 12.41 14.79
C GLY A 132 -4.84 11.81 13.43
N PRO A 133 -6.12 11.54 13.14
CA PRO A 133 -6.47 10.75 11.95
C PRO A 133 -6.55 11.55 10.66
N VAL A 134 -6.41 10.83 9.56
CA VAL A 134 -6.66 11.33 8.21
C VAL A 134 -7.62 10.37 7.53
N ASP A 135 -8.67 10.90 6.92
CA ASP A 135 -9.53 10.09 6.07
C ASP A 135 -8.74 9.62 4.86
N LEU A 136 -8.76 8.32 4.58
CA LEU A 136 -8.14 7.84 3.35
C LEU A 136 -8.77 8.50 2.13
N LYS A 137 -10.08 8.75 2.17
CA LYS A 137 -10.76 9.40 1.06
C LYS A 137 -10.15 10.75 0.74
N LYS A 138 -9.78 11.51 1.76
CA LYS A 138 -9.17 12.82 1.52
C LYS A 138 -7.82 12.69 0.84
N ILE A 139 -7.03 11.69 1.22
CA ILE A 139 -5.74 11.43 0.58
C ILE A 139 -5.94 11.07 -0.89
N THR A 140 -6.81 10.08 -1.15
CA THR A 140 -6.92 9.56 -2.50
C THR A 140 -7.67 10.51 -3.43
N ASN A 141 -8.51 11.41 -2.89
CA ASN A 141 -9.24 12.35 -3.74
C ASN A 141 -8.31 13.27 -4.51
N PHE A 142 -7.15 13.63 -3.93
CA PHE A 142 -6.20 14.48 -4.64
C PHE A 142 -5.77 13.90 -5.97
N PHE A 143 -5.91 12.58 -6.15
CA PHE A 143 -5.44 11.90 -7.34
C PHE A 143 -6.57 11.47 -8.26
N ARG A 144 -7.81 11.91 -7.99
CA ARG A 144 -8.94 11.60 -8.85
C ARG A 144 -8.61 11.95 -10.30
N GLY A 145 -9.21 11.20 -11.24
CA GLY A 145 -8.95 11.45 -12.64
C GLY A 145 -9.21 12.89 -13.06
N ASP A 146 -10.12 13.57 -12.38
CA ASP A 146 -10.41 14.95 -12.72
C ASP A 146 -9.58 15.95 -11.92
N ARG A 147 -8.82 15.49 -10.91
CA ARG A 147 -8.08 16.42 -10.08
C ARG A 147 -6.57 16.33 -10.25
N CYS A 148 -6.05 15.21 -10.73
CA CYS A 148 -4.65 15.08 -11.09
C CYS A 148 -4.58 14.68 -12.56
N ARG A 149 -4.60 15.69 -13.45
CA ARG A 149 -4.77 15.41 -14.87
C ARG A 149 -3.59 14.64 -15.47
N SER A 150 -2.39 14.84 -14.96
CA SER A 150 -1.24 14.11 -15.49
C SER A 150 -1.18 12.66 -15.02
N LEU A 151 -2.10 12.23 -14.14
CA LEU A 151 -2.23 10.82 -13.80
C LEU A 151 -3.52 10.20 -14.32
N THR A 152 -4.36 10.97 -15.01
CA THR A 152 -5.57 10.39 -15.59
C THR A 152 -5.21 9.25 -16.53
N GLY A 153 -5.90 8.13 -16.36
CA GLY A 153 -5.66 6.96 -17.18
C GLY A 153 -4.49 6.10 -16.77
N LYS A 154 -3.76 6.49 -15.70
CA LYS A 154 -2.60 5.79 -15.20
C LYS A 154 -2.90 5.12 -13.86
N PRO A 155 -2.31 3.96 -13.59
CA PRO A 155 -2.58 3.28 -12.31
C PRO A 155 -2.06 4.05 -11.10
N LYS A 156 -2.91 4.16 -10.09
CA LYS A 156 -2.63 4.84 -8.83
C LYS A 156 -2.81 3.80 -7.74
N LEU A 157 -1.70 3.41 -7.12
CA LEU A 157 -1.63 2.28 -6.20
C LEU A 157 -1.44 2.81 -4.78
N PHE A 158 -2.35 2.44 -3.88
CA PHE A 158 -2.26 2.79 -2.47
C PHE A 158 -2.12 1.52 -1.67
N ILE A 159 -0.98 1.36 -1.00
CA ILE A 159 -0.61 0.16 -0.27
C ILE A 159 -0.66 0.51 1.21
N ILE A 160 -1.53 -0.16 1.96
CA ILE A 160 -1.87 0.33 3.29
C ILE A 160 -1.61 -0.76 4.33
N GLN A 161 -0.59 -0.53 5.17
CA GLN A 161 -0.35 -1.36 6.35
C GLN A 161 -0.86 -0.57 7.54
N ALA A 162 -2.05 -0.94 8.01
CA ALA A 162 -2.72 -0.26 9.11
C ALA A 162 -3.93 -1.09 9.49
N CYS A 163 -4.33 -0.98 10.75
CA CYS A 163 -5.53 -1.69 11.14
C CYS A 163 -6.75 -1.09 10.45
N ARG A 164 -7.80 -1.91 10.33
CA ARG A 164 -9.09 -1.52 9.76
C ARG A 164 -10.24 -1.76 10.73
N GLY A 165 -9.94 -1.80 12.01
CA GLY A 165 -10.88 -2.25 13.01
C GLY A 165 -10.16 -3.09 14.04
N THR A 166 -10.94 -3.77 14.89
CA THR A 166 -10.38 -4.50 16.01
C THR A 166 -10.80 -5.97 16.00
N GLU A 167 -11.32 -6.46 14.88
CA GLU A 167 -11.65 -7.88 14.82
C GLU A 167 -10.39 -8.72 14.64
N LEU A 168 -10.46 -9.96 15.12
CA LEU A 168 -9.38 -10.93 15.03
C LEU A 168 -9.90 -12.18 14.31
N ASP A 169 -9.09 -12.70 13.42
CA ASP A 169 -9.43 -13.87 12.62
C ASP A 169 -8.86 -15.08 13.35
N CYS A 170 -9.75 -15.93 13.88
CA CYS A 170 -9.33 -17.12 14.62
C CYS A 170 -8.81 -18.21 13.71
N GLY A 171 -9.13 -18.15 12.42
CA GLY A 171 -8.70 -19.17 11.48
C GLY A 171 -9.44 -20.48 11.64
N ILE A 172 -9.26 -21.38 10.67
CA ILE A 172 -9.85 -22.70 10.71
C ILE A 172 -8.81 -23.70 10.24
N GLU A 173 -8.77 -24.87 10.89
CA GLU A 173 -7.83 -25.91 10.51
C GLU A 173 -8.06 -26.35 9.07
N THR A 174 -7.00 -26.93 8.48
CA THR A 174 -7.08 -27.46 7.13
C THR A 174 -6.30 -28.78 7.03
N HIS A 185 -15.88 8.71 -23.98
CA HIS A 185 -15.13 9.96 -24.05
C HIS A 185 -14.62 10.37 -22.67
N LYS A 186 -15.42 10.11 -21.63
CA LYS A 186 -15.01 10.35 -20.25
C LYS A 186 -14.71 9.03 -19.56
N ILE A 187 -13.90 9.11 -18.51
CA ILE A 187 -13.68 7.96 -17.63
C ILE A 187 -14.11 8.34 -16.21
N PRO A 188 -14.50 7.38 -15.39
CA PRO A 188 -14.89 7.72 -14.02
C PRO A 188 -13.73 8.27 -13.22
N VAL A 189 -14.02 9.22 -12.34
CA VAL A 189 -12.96 9.81 -11.54
C VAL A 189 -12.38 8.81 -10.53
N GLU A 190 -13.11 7.75 -10.22
CA GLU A 190 -12.61 6.75 -9.29
C GLU A 190 -11.90 5.60 -10.02
N ALA A 191 -11.89 5.62 -11.35
CA ALA A 191 -11.20 4.59 -12.11
C ALA A 191 -9.70 4.66 -11.93
N ASP A 192 -9.04 3.51 -12.08
CA ASP A 192 -7.59 3.36 -12.16
C ASP A 192 -6.90 3.51 -10.80
N PHE A 193 -7.64 3.32 -9.71
CA PHE A 193 -7.09 3.18 -8.35
C PHE A 193 -7.02 1.71 -7.98
N LEU A 194 -5.99 1.36 -7.22
CA LEU A 194 -5.87 0.05 -6.62
C LEU A 194 -5.50 0.26 -5.16
N TYR A 195 -6.25 -0.39 -4.27
CA TYR A 195 -5.97 -0.36 -2.84
C TYR A 195 -5.48 -1.75 -2.44
N ALA A 196 -4.22 -1.86 -2.03
CA ALA A 196 -3.65 -3.11 -1.54
C ALA A 196 -3.66 -3.02 -0.02
N TYR A 197 -4.75 -3.50 0.58
CA TYR A 197 -4.92 -3.46 2.02
C TYR A 197 -4.27 -4.67 2.67
N SER A 198 -3.68 -4.45 3.84
CA SER A 198 -2.97 -5.52 4.53
C SER A 198 -3.91 -6.55 5.14
N THR A 199 -5.17 -6.19 5.33
CA THR A 199 -6.08 -7.00 6.13
C THR A 199 -7.50 -6.75 5.66
N ALA A 200 -8.39 -7.67 6.04
CA ALA A 200 -9.80 -7.60 5.68
C ALA A 200 -10.49 -6.42 6.36
N PRO A 201 -11.59 -5.93 5.78
CA PRO A 201 -12.30 -4.81 6.42
C PRO A 201 -12.79 -5.21 7.81
N GLY A 202 -12.57 -4.32 8.77
CA GLY A 202 -12.98 -4.56 10.13
C GLY A 202 -11.93 -5.17 11.03
N TYR A 203 -10.81 -5.65 10.47
CA TYR A 203 -9.84 -6.45 11.22
C TYR A 203 -8.59 -5.67 11.60
N TYR A 204 -8.02 -6.08 12.75
CA TYR A 204 -6.64 -5.69 13.04
C TYR A 204 -5.72 -6.18 11.93
N SER A 205 -4.55 -5.56 11.86
CA SER A 205 -3.44 -6.01 11.03
C SER A 205 -2.25 -6.28 11.92
N TRP A 206 -1.46 -7.30 11.58
CA TRP A 206 -0.37 -7.76 12.44
C TRP A 206 1.00 -7.28 11.98
N ARG A 207 1.79 -6.80 12.94
CA ARG A 207 3.14 -6.31 12.71
C ARG A 207 4.07 -6.96 13.73
N ASN A 208 5.18 -7.54 13.26
CA ASN A 208 6.13 -8.16 14.18
C ASN A 208 7.26 -7.16 14.48
N SER A 209 7.55 -6.99 15.77
CA SER A 209 8.47 -5.93 16.19
C SER A 209 9.89 -6.13 15.68
N LYS A 210 10.26 -7.36 15.33
CA LYS A 210 11.59 -7.67 14.82
C LYS A 210 11.64 -7.82 13.32
N ASP A 211 10.64 -8.46 12.72
CA ASP A 211 10.66 -8.82 11.31
C ASP A 211 9.89 -7.85 10.42
N GLY A 212 9.09 -6.96 11.00
CA GLY A 212 8.21 -6.13 10.20
C GLY A 212 6.82 -6.74 10.10
N SER A 213 5.97 -6.06 9.36
CA SER A 213 4.58 -6.49 9.26
C SER A 213 4.45 -7.70 8.34
N TRP A 214 3.49 -8.58 8.66
CA TRP A 214 3.26 -9.77 7.85
C TRP A 214 3.02 -9.39 6.39
N PHE A 215 2.21 -8.36 6.18
CA PHE A 215 1.80 -8.00 4.82
C PHE A 215 2.95 -7.39 4.04
N ILE A 216 3.67 -6.43 4.64
CA ILE A 216 4.75 -5.76 3.92
C ILE A 216 5.91 -6.74 3.67
N GLN A 217 6.26 -7.56 4.67
CA GLN A 217 7.22 -8.66 4.47
C GLN A 217 6.85 -9.46 3.23
N SER A 218 5.58 -9.87 3.13
CA SER A 218 5.18 -10.79 2.09
C SER A 218 5.08 -10.08 0.73
N LEU A 219 4.57 -8.85 0.73
CA LEU A 219 4.49 -8.04 -0.48
C LEU A 219 5.86 -7.83 -1.12
N CYS A 220 6.86 -7.45 -0.32
CA CYS A 220 8.19 -7.22 -0.87
C CYS A 220 8.78 -8.52 -1.40
N ALA A 221 8.63 -9.62 -0.65
CA ALA A 221 9.11 -10.91 -1.12
C ALA A 221 8.48 -11.28 -2.46
N MET A 222 7.16 -11.09 -2.60
CA MET A 222 6.51 -11.48 -3.84
C MET A 222 6.85 -10.54 -4.99
N LEU A 223 7.01 -9.24 -4.72
CA LEU A 223 7.48 -8.34 -5.76
C LEU A 223 8.90 -8.69 -6.21
N LYS A 224 9.79 -8.96 -5.26
CA LYS A 224 11.15 -9.37 -5.61
C LYS A 224 11.15 -10.58 -6.52
N GLN A 225 10.29 -11.56 -6.23
CA GLN A 225 10.32 -12.83 -6.95
C GLN A 225 9.55 -12.79 -8.25
N TYR A 226 8.47 -12.01 -8.34
CA TYR A 226 7.56 -12.12 -9.48
C TYR A 226 7.31 -10.85 -10.27
N ALA A 227 7.91 -9.71 -9.91
CA ALA A 227 7.60 -8.49 -10.65
C ALA A 227 8.03 -8.55 -12.12
N ASP A 228 9.00 -9.39 -12.45
CA ASP A 228 9.39 -9.57 -13.83
C ASP A 228 8.66 -10.74 -14.51
N LYS A 229 7.62 -11.28 -13.88
CA LYS A 229 7.00 -12.54 -14.32
C LYS A 229 5.47 -12.50 -14.36
N LEU A 230 4.85 -11.78 -13.45
CA LEU A 230 3.41 -11.89 -13.20
C LEU A 230 2.74 -10.52 -13.25
N GLU A 231 1.48 -10.52 -13.71
CA GLU A 231 0.64 -9.34 -13.60
C GLU A 231 0.38 -9.03 -12.13
N PHE A 232 0.17 -7.74 -11.84
CA PHE A 232 0.18 -7.28 -10.45
C PHE A 232 -0.91 -7.92 -9.61
N MET A 233 -2.11 -8.15 -10.17
CA MET A 233 -3.14 -8.81 -9.37
C MET A 233 -2.72 -10.22 -9.00
N HIS A 234 -1.95 -10.88 -9.88
CA HIS A 234 -1.50 -12.23 -9.56
C HIS A 234 -0.37 -12.21 -8.53
N ILE A 235 0.48 -11.17 -8.55
CA ILE A 235 1.44 -10.99 -7.47
C ILE A 235 0.72 -10.81 -6.16
N LEU A 236 -0.32 -9.96 -6.15
CA LEU A 236 -1.01 -9.68 -4.89
C LEU A 236 -1.75 -10.90 -4.38
N THR A 237 -2.19 -11.78 -5.27
CA THR A 237 -2.86 -13.01 -4.86
C THR A 237 -1.87 -13.94 -4.16
N ARG A 238 -0.63 -14.03 -4.68
CA ARG A 238 0.43 -14.75 -3.99
C ARG A 238 0.69 -14.14 -2.61
N VAL A 239 0.60 -12.81 -2.51
CA VAL A 239 0.74 -12.16 -1.21
C VAL A 239 -0.38 -12.60 -0.27
N ASN A 240 -1.62 -12.63 -0.77
CA ASN A 240 -2.74 -13.13 0.02
C ASN A 240 -2.45 -14.53 0.58
N ARG A 241 -1.95 -15.43 -0.26
CA ARG A 241 -1.72 -16.81 0.17
CA ARG A 241 -1.72 -16.81 0.17
C ARG A 241 -0.57 -16.89 1.17
N LYS A 242 0.50 -16.11 0.95
CA LYS A 242 1.63 -16.15 1.86
CA LYS A 242 1.64 -16.14 1.86
C LYS A 242 1.25 -15.65 3.25
N VAL A 243 0.53 -14.53 3.32
CA VAL A 243 0.08 -14.05 4.62
C VAL A 243 -0.87 -15.05 5.27
N ALA A 244 -1.81 -15.59 4.48
CA ALA A 244 -2.82 -16.47 5.04
C ALA A 244 -2.23 -17.80 5.52
N THR A 245 -1.15 -18.27 4.91
CA THR A 245 -0.67 -19.60 5.25
C THR A 245 0.57 -19.61 6.14
N GLU A 246 1.44 -18.60 6.06
CA GLU A 246 2.74 -18.69 6.71
C GLU A 246 2.81 -17.96 8.04
N PHE A 247 1.77 -17.24 8.44
CA PHE A 247 1.79 -16.42 9.64
C PHE A 247 0.67 -16.80 10.59
N GLU A 248 1.02 -16.81 11.88
CA GLU A 248 0.05 -16.96 12.96
C GLU A 248 0.62 -16.22 14.17
N SER A 249 -0.23 -15.45 14.85
CA SER A 249 0.26 -14.69 15.98
C SER A 249 0.61 -15.59 17.16
N PHE A 250 1.60 -15.15 17.94
CA PHE A 250 1.95 -15.76 19.21
C PHE A 250 1.79 -14.68 20.28
N SER A 251 0.98 -14.98 21.30
CA SER A 251 0.77 -14.01 22.37
C SER A 251 0.55 -14.72 23.70
N PHE A 252 1.11 -14.14 24.77
CA PHE A 252 0.80 -14.61 26.12
C PHE A 252 -0.65 -14.31 26.49
N ASP A 253 -1.28 -13.38 25.77
CA ASP A 253 -2.67 -13.02 25.96
C ASP A 253 -3.54 -13.91 25.09
N ALA A 254 -4.40 -14.72 25.71
CA ALA A 254 -5.23 -15.66 24.94
C ALA A 254 -6.12 -14.93 23.93
N THR A 255 -6.51 -13.68 24.23
CA THR A 255 -7.34 -12.95 23.29
C THR A 255 -6.62 -12.74 21.95
N PHE A 256 -5.32 -12.54 21.99
CA PHE A 256 -4.56 -12.18 20.79
C PHE A 256 -3.71 -13.32 20.26
N HIS A 257 -3.83 -14.51 20.82
CA HIS A 257 -2.95 -15.62 20.48
C HIS A 257 -3.56 -16.46 19.36
N ALA A 258 -2.68 -16.97 18.48
CA ALA A 258 -3.04 -17.94 17.44
C ALA A 258 -4.00 -17.37 16.41
N LYS A 259 -3.85 -16.10 16.09
CA LYS A 259 -4.73 -15.42 15.14
C LYS A 259 -4.10 -15.35 13.75
N LYS A 260 -4.97 -15.18 12.75
CA LYS A 260 -4.58 -15.26 11.35
C LYS A 260 -4.97 -13.97 10.64
N GLN A 261 -4.50 -13.82 9.39
CA GLN A 261 -4.76 -12.60 8.63
C GLN A 261 -4.89 -12.91 7.14
N ILE A 262 -5.85 -12.26 6.47
CA ILE A 262 -5.93 -12.28 5.01
C ILE A 262 -5.92 -10.84 4.50
N PRO A 263 -5.05 -10.51 3.55
CA PRO A 263 -5.09 -9.16 2.98
C PRO A 263 -6.28 -9.01 2.03
N CYS A 264 -6.45 -7.80 1.54
CA CYS A 264 -7.68 -7.42 0.83
C CYS A 264 -7.28 -6.56 -0.37
N ILE A 265 -7.46 -7.09 -1.57
CA ILE A 265 -7.15 -6.39 -2.80
C ILE A 265 -8.42 -5.69 -3.28
N ILE A 266 -8.37 -4.37 -3.47
CA ILE A 266 -9.52 -3.61 -3.97
C ILE A 266 -9.10 -2.97 -5.29
N SER A 267 -9.65 -3.46 -6.39
CA SER A 267 -9.21 -2.99 -7.70
C SER A 267 -10.31 -2.27 -8.43
N MET A 268 -10.05 -1.00 -8.74
CA MET A 268 -10.77 -0.21 -9.73
CA MET A 268 -10.80 -0.28 -9.74
C MET A 268 -9.93 -0.02 -10.97
N LEU A 269 -8.94 -0.87 -11.19
CA LEU A 269 -8.11 -0.74 -12.38
C LEU A 269 -8.89 -1.14 -13.62
N THR A 270 -8.52 -0.55 -14.76
CA THR A 270 -9.17 -0.85 -16.03
C THR A 270 -8.28 -1.66 -16.97
N LYS A 271 -7.03 -1.92 -16.59
CA LYS A 271 -6.10 -2.67 -17.41
C LYS A 271 -5.20 -3.53 -16.53
N GLU A 272 -4.53 -4.48 -17.17
CA GLU A 272 -3.50 -5.26 -16.51
C GLU A 272 -2.28 -4.38 -16.25
N LEU A 273 -1.59 -4.66 -15.15
CA LEU A 273 -0.45 -3.86 -14.72
CA LEU A 273 -0.45 -3.86 -14.71
C LEU A 273 0.76 -4.78 -14.62
N TYR A 274 1.75 -4.54 -15.48
CA TYR A 274 3.03 -5.22 -15.43
C TYR A 274 4.11 -4.19 -15.16
N PHE A 275 5.00 -4.50 -14.22
CA PHE A 275 6.05 -3.55 -13.89
C PHE A 275 7.16 -3.53 -14.93
N TYR A 276 7.26 -4.56 -15.75
CA TYR A 276 8.21 -4.61 -16.84
C TYR A 276 7.52 -4.21 -18.14
N HIS A 277 8.33 -3.88 -19.14
CA HIS A 277 7.83 -3.63 -20.49
C HIS A 277 8.74 -4.33 -21.49
N LEU A 278 8.28 -4.39 -22.73
CA LEU A 278 9.05 -5.00 -23.81
C LEU A 278 9.94 -3.95 -24.45
N HIS A 279 11.23 -4.28 -24.60
CA HIS A 279 12.20 -3.36 -25.19
C HIS A 279 11.86 -3.03 -26.65
C ACE B 1 5.83 -9.43 18.15
O ACE B 1 5.83 -8.32 17.62
CH3 ACE B 1 6.98 -9.96 18.95
N ASP B 2 4.80 -10.26 18.06
CA ASP B 2 3.61 -9.89 17.29
C ASP B 2 2.77 -8.83 18.00
N GLU B 3 2.44 -7.78 17.24
CA GLU B 3 1.68 -6.63 17.74
C GLU B 3 0.65 -6.25 16.69
N VAL B 4 -0.40 -5.57 17.11
CA VAL B 4 -1.41 -5.11 16.14
C VAL B 4 -1.33 -3.61 15.89
N ASP B 5 -1.76 -3.18 14.70
CA ASP B 5 -1.63 -1.77 14.31
C ASP B 5 -2.85 -0.89 14.69
C1 0QE B 6 -3.55 -1.04 16.07
CL1 0QE B 6 -5.36 -0.89 16.08
NA NA C . 0.50 -7.15 8.16
#